data_2H8R
#
_entry.id   2H8R
#
_cell.length_a   174.689
_cell.length_b   174.689
_cell.length_c   72.434
_cell.angle_alpha   90.00
_cell.angle_beta   90.00
_cell.angle_gamma   120.00
#
_symmetry.space_group_name_H-M   'H 3'
#
loop_
_entity.id
_entity.type
_entity.pdbx_description
1 polymer "5'-D(*CP*TP*TP*GP*GP*TP*TP*AP*AP*TP*AP*AP*TP*TP*CP*AP*CP*CP*AP*G)-3'"
2 polymer "5'-D(*GP*CP*TP*GP*GP*TP*GP*AP*AP*TP*TP*AP*TP*TP*AP*AP*CP*CP*AP*A)-3'"
3 polymer 'Hepatocyte nuclear factor 1-beta'
4 water water
#
loop_
_entity_poly.entity_id
_entity_poly.type
_entity_poly.pdbx_seq_one_letter_code
_entity_poly.pdbx_strand_id
1 'polydeoxyribonucleotide' (DC)(DT)(DT)(DG)(DG)(DT)(DT)(DA)(DA)(DT)(DA)(DA)(DT)(DT)(DC)(DA)(DC)(DC)(DA)(DG) E
2 'polydeoxyribonucleotide' (DG)(DC)(DT)(DG)(DG)(DT)(DG)(DA)(DA)(DT)(DT)(DA)(DT)(DT)(DA)(DA)(DC)(DC)(DA)(DA) F
3 'polypeptide(L)'
;SILKELQALNTEEAAEQRAEVDRMLSEDPWRAAKMIKGYMQQHNIPQREVVDVTGLNQSHLSQHLNKGTPMKTQKRAALY
TWYVRKQREILRQFNQTVQSSGNMTDKSSQDQLLFLFPEFSQQSHGPGQSDDACSEPTNKKMRRNRFKWGPASQQILYQA
YDRQKNPSKEEREALVEECNRAECLQRGVSPSKAHGLGSNLVTEVRVYNWFANRRKEEAFR
;
A,B
#
loop_
_chem_comp.id
_chem_comp.type
_chem_comp.name
_chem_comp.formula
DA DNA linking 2'-DEOXYADENOSINE-5'-MONOPHOSPHATE 'C10 H14 N5 O6 P'
DC DNA linking 2'-DEOXYCYTIDINE-5'-MONOPHOSPHATE 'C9 H14 N3 O7 P'
DG DNA linking 2'-DEOXYGUANOSINE-5'-MONOPHOSPHATE 'C10 H14 N5 O7 P'
DT DNA linking THYMIDINE-5'-MONOPHOSPHATE 'C10 H15 N2 O8 P'
#
# COMPACT_ATOMS: atom_id res chain seq x y z
N SER C 1 2.91 -24.02 34.43
CA SER C 1 3.33 -22.87 33.65
C SER C 1 4.72 -23.07 33.13
N ILE C 2 5.80 -23.22 33.91
CA ILE C 2 7.01 -23.68 33.13
C ILE C 2 6.80 -25.13 32.74
N LEU C 3 5.84 -25.77 33.36
CA LEU C 3 5.55 -27.07 33.06
C LEU C 3 4.78 -26.97 31.73
N LYS C 4 3.81 -26.08 31.63
CA LYS C 4 3.42 -25.96 30.23
C LYS C 4 4.63 -25.60 29.27
N GLU C 5 5.34 -24.50 29.54
CA GLU C 5 6.42 -24.13 28.77
C GLU C 5 7.15 -25.43 28.32
N LEU C 6 7.46 -26.38 29.23
CA LEU C 6 8.29 -27.52 28.88
C LEU C 6 7.50 -28.43 28.17
N GLN C 7 6.30 -28.71 28.65
CA GLN C 7 5.55 -29.85 28.08
C GLN C 7 5.27 -29.48 26.66
N ALA C 8 5.42 -28.19 26.35
CA ALA C 8 5.26 -27.74 24.96
C ALA C 8 6.48 -28.10 24.05
N LEU C 9 7.69 -27.67 24.49
CA LEU C 9 8.88 -27.87 23.74
C LEU C 9 9.03 -29.39 23.55
N ASN C 10 8.35 -30.22 24.32
CA ASN C 10 8.75 -31.57 24.27
C ASN C 10 7.68 -32.51 23.80
N THR C 11 7.33 -32.58 22.49
CA THR C 11 6.23 -33.40 21.82
C THR C 11 7.03 -34.09 20.73
N GLU C 12 6.48 -35.15 20.20
CA GLU C 12 6.95 -35.93 19.05
C GLU C 12 6.87 -34.79 17.95
N GLU C 13 5.64 -34.21 17.76
CA GLU C 13 5.34 -33.32 16.66
C GLU C 13 6.25 -32.16 16.71
N ALA C 14 6.14 -31.53 17.84
CA ALA C 14 6.93 -30.37 18.09
C ALA C 14 8.37 -30.52 17.79
N ALA C 15 8.82 -31.71 18.05
CA ALA C 15 10.24 -31.81 18.11
C ALA C 15 10.72 -31.85 16.72
N GLU C 16 9.97 -32.64 15.98
CA GLU C 16 10.29 -32.80 14.62
C GLU C 16 10.17 -31.42 13.88
N GLN C 17 9.03 -30.74 14.02
CA GLN C 17 9.11 -29.32 13.63
C GLN C 17 10.36 -28.58 13.97
N ARG C 18 10.88 -28.55 15.13
CA ARG C 18 12.23 -27.98 15.16
C ARG C 18 13.38 -28.36 14.14
N ALA C 19 13.21 -29.59 13.70
CA ALA C 19 14.20 -30.28 12.87
C ALA C 19 14.04 -29.81 11.47
N GLU C 20 12.73 -29.83 11.09
CA GLU C 20 12.31 -29.40 9.81
C GLU C 20 12.79 -28.01 9.66
N VAL C 21 12.58 -27.15 10.62
CA VAL C 21 12.92 -25.80 10.38
C VAL C 21 14.30 -25.51 10.51
N ASP C 22 14.89 -26.45 11.21
CA ASP C 22 16.29 -26.34 11.27
C ASP C 22 17.03 -26.79 9.99
N ARG C 23 16.41 -27.65 9.26
CA ARG C 23 16.98 -27.96 8.06
C ARG C 23 16.66 -26.87 7.14
N MET C 24 15.42 -26.43 7.03
CA MET C 24 15.18 -25.26 6.26
C MET C 24 16.18 -24.13 6.29
N LEU C 25 16.90 -24.01 7.36
CA LEU C 25 17.82 -22.86 7.35
C LEU C 25 19.14 -23.11 6.86
N SER C 26 19.22 -24.09 5.99
CA SER C 26 20.56 -24.61 5.56
C SER C 26 20.49 -24.55 4.04
N GLU C 27 19.31 -24.78 3.55
CA GLU C 27 18.79 -24.43 2.31
C GLU C 27 18.84 -22.98 2.00
N ASP C 28 18.63 -22.75 0.68
CA ASP C 28 18.67 -21.51 0.03
C ASP C 28 17.45 -20.78 0.38
N PRO C 29 17.82 -19.77 1.04
CA PRO C 29 16.89 -18.81 1.50
C PRO C 29 15.78 -18.49 0.53
N TRP C 30 16.06 -18.41 -0.72
CA TRP C 30 15.05 -17.92 -1.52
C TRP C 30 14.27 -19.15 -1.82
N ARG C 31 14.82 -20.30 -1.69
CA ARG C 31 13.97 -21.41 -1.97
C ARG C 31 12.97 -21.68 -1.04
N ALA C 32 13.19 -21.33 0.14
CA ALA C 32 12.09 -21.37 1.02
C ALA C 32 11.16 -20.21 0.79
N ALA C 33 11.65 -18.99 0.59
CA ALA C 33 10.72 -17.89 0.36
C ALA C 33 9.67 -18.26 -0.70
N LYS C 34 10.19 -19.01 -1.63
CA LYS C 34 9.48 -19.44 -2.77
C LYS C 34 8.38 -20.33 -2.29
N MET C 35 8.81 -21.33 -1.59
CA MET C 35 7.97 -22.29 -0.93
C MET C 35 6.81 -21.70 -0.15
N ILE C 36 7.17 -20.74 0.66
CA ILE C 36 6.19 -20.29 1.50
C ILE C 36 5.27 -19.34 0.77
N LYS C 37 5.88 -18.44 -0.05
CA LYS C 37 5.06 -17.43 -0.74
C LYS C 37 4.01 -18.28 -1.26
N GLY C 38 4.38 -19.53 -1.53
CA GLY C 38 3.48 -20.29 -2.29
C GLY C 38 2.49 -20.87 -1.47
N TYR C 39 3.00 -21.42 -0.44
CA TYR C 39 2.12 -21.98 0.42
C TYR C 39 1.06 -21.01 0.82
N MET C 40 1.46 -19.77 1.02
CA MET C 40 0.48 -18.83 1.56
C MET C 40 -0.32 -18.56 0.51
N GLN C 41 0.21 -18.51 -0.67
CA GLN C 41 -0.59 -18.11 -1.81
C GLN C 41 -1.79 -19.09 -2.00
N GLN C 42 -1.43 -20.35 -1.74
CA GLN C 42 -2.38 -21.41 -1.94
C GLN C 42 -3.65 -21.17 -0.96
N HIS C 43 -3.35 -21.33 0.35
CA HIS C 43 -4.29 -21.11 1.41
C HIS C 43 -4.72 -19.71 1.57
N ASN C 44 -4.10 -18.82 0.74
CA ASN C 44 -4.48 -17.43 0.91
C ASN C 44 -4.38 -16.95 2.34
N ILE C 45 -3.20 -16.88 2.86
CA ILE C 45 -3.02 -16.33 4.15
C ILE C 45 -2.39 -14.92 4.13
N PRO C 46 -3.05 -14.05 4.77
CA PRO C 46 -2.69 -12.67 4.96
C PRO C 46 -1.26 -12.40 5.34
N GLN C 47 -0.78 -11.30 4.83
CA GLN C 47 0.63 -11.34 5.04
C GLN C 47 0.66 -10.97 6.50
N ARG C 48 -0.42 -10.32 6.88
CA ARG C 48 -0.42 -9.76 8.19
C ARG C 48 -0.42 -10.84 9.29
N GLU C 49 -1.16 -11.90 9.08
CA GLU C 49 -1.07 -12.94 10.12
C GLU C 49 0.36 -13.26 10.41
N VAL C 50 1.12 -13.51 9.38
CA VAL C 50 2.53 -13.83 9.69
C VAL C 50 3.25 -12.78 10.49
N VAL C 51 2.99 -11.54 10.12
CA VAL C 51 3.68 -10.50 10.72
C VAL C 51 3.37 -10.60 12.19
N ASP C 52 2.14 -10.64 12.65
CA ASP C 52 1.91 -10.86 14.14
C ASP C 52 2.49 -12.08 14.59
N VAL C 53 1.74 -13.16 14.60
CA VAL C 53 2.42 -14.34 15.07
C VAL C 53 3.99 -14.30 15.06
N THR C 54 4.60 -14.14 13.89
CA THR C 54 6.14 -14.12 13.93
C THR C 54 6.70 -12.86 14.65
N GLY C 55 6.22 -11.66 14.30
CA GLY C 55 6.64 -10.44 14.94
C GLY C 55 7.83 -9.98 14.10
N LEU C 56 7.80 -9.98 12.72
CA LEU C 56 8.93 -9.53 11.86
C LEU C 56 8.47 -8.26 11.15
N ASN C 57 9.32 -7.40 10.65
CA ASN C 57 8.81 -6.12 10.22
C ASN C 57 8.07 -6.42 8.93
N GLN C 58 6.90 -5.85 8.83
CA GLN C 58 6.02 -6.14 7.70
C GLN C 58 6.68 -5.77 6.36
N SER C 59 7.38 -4.69 6.28
CA SER C 59 8.01 -4.57 4.99
C SER C 59 9.08 -5.62 4.79
N HIS C 60 9.72 -6.02 5.86
CA HIS C 60 10.96 -6.82 5.61
C HIS C 60 10.50 -8.16 5.06
N LEU C 61 9.31 -8.61 5.53
CA LEU C 61 8.90 -9.77 5.12
C LEU C 61 8.48 -9.56 3.67
N SER C 62 7.72 -8.53 3.38
CA SER C 62 7.40 -8.45 1.83
C SER C 62 8.42 -8.45 0.95
N GLN C 63 9.61 -8.02 1.37
CA GLN C 63 10.77 -8.19 0.59
C GLN C 63 11.45 -9.56 0.47
N HIS C 64 12.02 -9.99 1.57
CA HIS C 64 12.64 -11.22 1.71
C HIS C 64 11.68 -12.19 1.13
N LEU C 65 10.42 -11.91 1.19
CA LEU C 65 9.67 -12.96 0.61
C LEU C 65 9.43 -12.62 -0.82
N ASN C 66 9.19 -11.37 -1.30
CA ASN C 66 8.96 -11.16 -2.80
C ASN C 66 10.32 -10.91 -3.56
N LYS C 67 10.94 -9.71 -3.41
CA LYS C 67 12.29 -9.37 -3.74
C LYS C 67 13.36 -10.44 -3.31
N GLY C 68 13.06 -11.27 -2.28
CA GLY C 68 14.12 -12.12 -1.70
C GLY C 68 15.30 -11.31 -1.00
N THR C 69 15.00 -10.16 -0.42
CA THR C 69 15.98 -9.50 0.35
C THR C 69 16.35 -10.33 1.56
N PRO C 70 17.62 -10.46 1.78
CA PRO C 70 18.20 -11.33 2.77
C PRO C 70 17.71 -10.96 4.22
N MET C 71 17.40 -12.03 5.00
CA MET C 71 16.85 -11.71 6.37
C MET C 71 17.71 -12.42 7.30
N LYS C 72 18.16 -11.86 8.39
CA LYS C 72 19.16 -12.60 9.13
C LYS C 72 18.61 -13.95 9.50
N THR C 73 19.41 -14.86 9.99
CA THR C 73 18.81 -16.11 10.49
C THR C 73 17.70 -16.15 11.47
N GLN C 74 17.97 -15.46 12.56
CA GLN C 74 16.99 -15.68 13.58
C GLN C 74 15.49 -15.54 13.09
N LYS C 75 15.30 -14.49 12.29
CA LYS C 75 14.09 -14.02 11.79
C LYS C 75 13.63 -15.03 10.88
N ARG C 76 14.49 -15.43 10.03
CA ARG C 76 14.05 -16.53 9.30
C ARG C 76 13.66 -17.57 10.20
N ALA C 77 14.57 -17.90 11.12
CA ALA C 77 14.22 -19.12 11.82
C ALA C 77 12.83 -18.98 12.34
N ALA C 78 12.40 -17.72 12.36
CA ALA C 78 11.16 -17.43 13.05
C ALA C 78 10.13 -17.57 12.04
N LEU C 79 10.46 -18.18 10.92
CA LEU C 79 9.48 -17.88 9.96
C LEU C 79 9.20 -19.26 9.66
N TYR C 80 10.29 -19.93 9.67
CA TYR C 80 10.05 -21.24 9.16
C TYR C 80 9.16 -21.94 10.15
N THR C 81 9.58 -21.91 11.44
CA THR C 81 8.68 -22.32 12.59
C THR C 81 7.28 -21.91 12.35
N TRP C 82 7.12 -20.60 12.10
CA TRP C 82 5.78 -20.27 11.77
C TRP C 82 5.19 -21.23 10.82
N TYR C 83 5.95 -21.38 9.72
CA TYR C 83 5.32 -21.84 8.55
C TYR C 83 4.95 -23.31 8.84
N VAL C 84 6.03 -23.97 9.10
CA VAL C 84 5.92 -25.21 9.88
C VAL C 84 4.64 -25.37 10.74
N ARG C 85 4.56 -24.69 11.90
CA ARG C 85 3.34 -24.86 12.69
C ARG C 85 2.11 -24.74 11.90
N LYS C 86 1.99 -23.62 11.25
CA LYS C 86 0.85 -23.43 10.48
C LYS C 86 0.36 -24.54 9.71
N GLN C 87 1.32 -25.30 9.35
CA GLN C 87 0.97 -26.29 8.45
C GLN C 87 0.08 -27.27 9.14
N ARG C 88 0.48 -27.91 10.28
CA ARG C 88 -0.40 -28.70 11.12
C ARG C 88 -1.61 -27.88 11.47
N GLU C 89 -1.47 -26.78 12.19
CA GLU C 89 -2.53 -25.92 12.36
C GLU C 89 -3.44 -26.11 11.12
N ILE C 90 -3.09 -25.60 9.97
CA ILE C 90 -4.07 -25.71 8.84
C ILE C 90 -4.56 -27.02 8.54
N LEU C 91 -3.83 -28.02 8.82
CA LEU C 91 -4.43 -29.16 8.38
C LEU C 91 -5.09 -29.92 9.46
N ARG C 92 -5.48 -29.38 10.57
CA ARG C 92 -6.11 -30.19 11.61
C ARG C 92 -7.52 -29.79 11.25
N GLN C 93 -7.59 -28.52 10.86
CA GLN C 93 -8.78 -27.82 11.05
C GLN C 93 -9.43 -28.24 9.83
N PHE C 94 -8.65 -29.05 9.18
CA PHE C 94 -9.09 -29.15 7.86
C PHE C 94 -9.27 -30.55 7.44
N ASN C 95 -8.36 -31.43 7.82
CA ASN C 95 -8.11 -32.46 6.75
C ASN C 95 -9.02 -33.47 7.17
N GLN C 96 -9.03 -33.56 8.52
CA GLN C 96 -9.60 -34.71 9.11
C GLN C 96 -10.99 -34.43 9.69
N THR C 97 -11.19 -33.19 10.19
CA THR C 97 -12.32 -32.78 11.08
C THR C 97 -13.78 -32.48 10.62
N VAL C 98 -14.56 -31.90 11.61
CA VAL C 98 -16.03 -31.58 11.56
C VAL C 98 -16.42 -30.11 11.93
N MET C 142 -4.98 -11.14 18.55
CA MET C 142 -6.14 -10.29 19.08
C MET C 142 -7.45 -9.97 18.07
N ARG C 143 -7.39 -10.58 16.86
CA ARG C 143 -8.07 -10.02 15.64
C ARG C 143 -8.20 -11.15 14.59
N ARG C 144 -9.34 -11.03 13.82
CA ARG C 144 -9.98 -12.06 13.06
C ARG C 144 -9.61 -11.62 11.74
N ASN C 145 -8.91 -12.48 11.06
CA ASN C 145 -8.64 -12.30 9.65
C ASN C 145 -9.78 -11.82 8.86
N ARG C 146 -9.36 -11.51 7.72
CA ARG C 146 -10.33 -10.97 6.77
C ARG C 146 -10.40 -11.59 5.38
N PHE C 147 -11.58 -11.51 4.76
CA PHE C 147 -11.78 -12.42 3.64
C PHE C 147 -10.95 -12.09 2.45
N LYS C 148 -10.59 -13.01 1.57
CA LYS C 148 -9.87 -12.63 0.42
C LYS C 148 -10.17 -13.43 -0.72
N TRP C 149 -10.72 -12.87 -1.78
CA TRP C 149 -10.98 -13.68 -2.93
C TRP C 149 -9.72 -14.20 -3.64
N GLY C 150 -9.80 -15.35 -4.25
CA GLY C 150 -8.65 -16.19 -4.65
C GLY C 150 -8.87 -16.21 -6.16
N PRO C 151 -7.82 -16.49 -6.91
CA PRO C 151 -7.91 -16.30 -8.39
C PRO C 151 -9.01 -17.14 -8.92
N ALA C 152 -8.93 -18.39 -8.49
CA ALA C 152 -10.01 -19.27 -8.77
C ALA C 152 -11.43 -18.69 -8.81
N SER C 153 -11.83 -18.43 -7.63
CA SER C 153 -13.11 -17.89 -7.28
C SER C 153 -13.17 -16.74 -8.08
N GLN C 154 -12.08 -16.16 -8.43
CA GLN C 154 -12.23 -14.92 -9.09
C GLN C 154 -12.49 -14.94 -10.58
N GLN C 155 -11.97 -16.01 -11.14
CA GLN C 155 -11.92 -16.24 -12.56
C GLN C 155 -13.32 -16.32 -13.07
N ILE C 156 -13.92 -17.24 -12.42
CA ILE C 156 -15.20 -17.57 -12.78
C ILE C 156 -15.95 -16.45 -12.27
N LEU C 157 -15.43 -15.66 -11.43
CA LEU C 157 -16.32 -14.60 -11.25
C LEU C 157 -16.41 -13.62 -12.41
N TYR C 158 -15.24 -13.25 -12.86
CA TYR C 158 -15.23 -12.38 -13.96
C TYR C 158 -15.93 -13.02 -15.23
N GLN C 159 -15.88 -14.35 -15.46
CA GLN C 159 -16.83 -14.90 -16.42
C GLN C 159 -18.36 -14.60 -16.08
N ALA C 160 -18.84 -15.22 -15.05
CA ALA C 160 -20.18 -15.05 -14.83
C ALA C 160 -20.56 -13.57 -14.91
N TYR C 161 -19.55 -12.73 -14.95
CA TYR C 161 -19.91 -11.30 -14.94
C TYR C 161 -20.35 -10.53 -16.24
N ASP C 162 -19.46 -10.65 -17.23
CA ASP C 162 -19.63 -9.91 -18.50
C ASP C 162 -20.85 -10.71 -19.08
N ARG C 163 -21.31 -11.66 -18.23
CA ARG C 163 -22.53 -12.35 -18.47
C ARG C 163 -23.76 -11.78 -17.68
N GLN C 164 -23.86 -11.37 -16.42
CA GLN C 164 -25.17 -10.76 -15.94
C GLN C 164 -24.93 -9.74 -14.79
N LYS C 165 -25.17 -8.48 -15.13
CA LYS C 165 -24.73 -7.31 -14.33
C LYS C 165 -25.29 -7.51 -12.99
N ASN C 166 -26.54 -7.94 -12.91
CA ASN C 166 -27.04 -8.06 -11.56
C ASN C 166 -27.66 -9.36 -11.21
N PRO C 167 -26.92 -10.23 -10.52
CA PRO C 167 -27.34 -11.60 -10.13
C PRO C 167 -28.33 -11.69 -9.02
N SER C 168 -29.37 -12.52 -9.22
CA SER C 168 -30.34 -12.40 -8.14
C SER C 168 -30.15 -13.61 -7.42
N LYS C 169 -30.33 -13.33 -6.15
CA LYS C 169 -29.97 -14.16 -5.02
C LYS C 169 -29.78 -15.60 -5.40
N GLU C 170 -30.73 -16.19 -6.07
CA GLU C 170 -30.54 -17.55 -6.49
C GLU C 170 -29.22 -17.61 -7.22
N GLU C 171 -29.17 -16.75 -8.21
CA GLU C 171 -28.07 -16.61 -9.09
C GLU C 171 -26.73 -16.61 -8.39
N ARG C 172 -26.51 -15.48 -7.72
CA ARG C 172 -25.28 -15.45 -7.00
C ARG C 172 -25.18 -16.87 -6.42
N GLU C 173 -25.93 -17.16 -5.36
CA GLU C 173 -25.95 -18.44 -4.58
C GLU C 173 -25.29 -19.70 -5.22
N ALA C 174 -25.46 -19.78 -6.53
CA ALA C 174 -24.93 -20.84 -7.31
C ALA C 174 -23.43 -20.80 -7.14
N LEU C 175 -22.93 -19.60 -7.45
CA LEU C 175 -21.55 -19.23 -7.46
C LEU C 175 -20.90 -19.45 -6.11
N VAL C 176 -21.60 -19.12 -5.07
CA VAL C 176 -21.05 -19.37 -3.75
C VAL C 176 -20.57 -20.80 -3.66
N GLU C 177 -21.25 -21.70 -4.35
CA GLU C 177 -20.88 -23.11 -4.29
C GLU C 177 -19.85 -23.48 -5.38
N GLU C 178 -19.81 -22.68 -6.46
CA GLU C 178 -18.81 -22.84 -7.52
C GLU C 178 -17.43 -22.54 -6.99
N CYS C 179 -17.22 -21.28 -6.54
CA CYS C 179 -15.94 -20.86 -5.97
C CYS C 179 -15.58 -21.81 -4.87
N ASN C 180 -16.37 -21.79 -3.83
CA ASN C 180 -16.24 -22.65 -2.70
C ASN C 180 -15.68 -24.04 -2.97
N ARG C 181 -15.94 -24.53 -4.16
CA ARG C 181 -15.57 -25.90 -4.47
C ARG C 181 -14.21 -25.63 -4.91
N ALA C 182 -14.10 -24.53 -5.72
CA ALA C 182 -12.80 -24.34 -6.47
C ALA C 182 -11.65 -24.06 -5.54
N GLU C 183 -11.83 -23.06 -4.66
CA GLU C 183 -11.07 -22.98 -3.37
C GLU C 183 -10.63 -24.35 -2.72
N CYS C 184 -11.54 -25.37 -2.82
CA CYS C 184 -11.13 -26.61 -2.23
C CYS C 184 -10.18 -27.48 -3.08
N LEU C 185 -10.36 -27.30 -4.38
CA LEU C 185 -9.41 -27.90 -5.22
C LEU C 185 -8.03 -27.39 -4.81
N GLN C 186 -7.95 -26.05 -4.77
CA GLN C 186 -6.66 -25.37 -4.72
C GLN C 186 -5.80 -25.94 -3.56
N ARG C 187 -6.48 -26.27 -2.47
CA ARG C 187 -5.68 -26.53 -1.38
C ARG C 187 -5.72 -28.02 -1.18
N GLY C 188 -6.04 -28.70 -2.29
CA GLY C 188 -6.08 -30.19 -2.40
C GLY C 188 -6.91 -30.90 -1.33
N VAL C 189 -8.28 -30.63 -1.33
CA VAL C 189 -9.27 -31.20 -0.35
C VAL C 189 -10.65 -31.50 -0.86
N SER C 190 -11.48 -31.90 0.05
CA SER C 190 -12.77 -32.29 -0.49
C SER C 190 -13.82 -31.19 -0.48
N PRO C 191 -14.53 -31.06 -1.59
CA PRO C 191 -15.63 -30.16 -1.72
C PRO C 191 -16.48 -30.29 -0.46
N SER C 192 -16.22 -31.29 0.34
CA SER C 192 -16.93 -31.40 1.58
C SER C 192 -16.20 -30.53 2.51
N LYS C 193 -17.00 -29.97 3.35
CA LYS C 193 -16.46 -29.09 4.34
C LYS C 193 -15.44 -28.18 3.78
N ALA C 194 -15.95 -27.42 2.83
CA ALA C 194 -15.15 -26.34 2.38
C ALA C 194 -15.29 -25.40 3.56
N HIS C 195 -15.90 -25.94 4.60
CA HIS C 195 -16.08 -25.24 5.84
C HIS C 195 -14.71 -24.98 6.44
N GLY C 196 -13.70 -25.70 6.00
CA GLY C 196 -12.39 -25.45 6.59
C GLY C 196 -11.66 -24.19 6.06
N LEU C 197 -12.18 -23.56 4.99
CA LEU C 197 -11.62 -22.51 4.32
C LEU C 197 -11.62 -21.32 5.23
N GLY C 198 -12.76 -21.27 5.97
CA GLY C 198 -12.85 -20.72 7.29
C GLY C 198 -13.13 -19.34 7.01
N SER C 199 -12.05 -18.53 7.11
CA SER C 199 -12.20 -17.19 6.79
C SER C 199 -12.37 -16.77 5.35
N ASN C 200 -11.70 -17.50 4.53
CA ASN C 200 -11.60 -17.08 3.25
C ASN C 200 -12.74 -17.83 2.70
N LEU C 201 -13.54 -18.50 3.56
CA LEU C 201 -14.84 -18.96 3.11
C LEU C 201 -15.74 -18.02 2.24
N VAL C 202 -16.28 -18.43 1.04
CA VAL C 202 -17.15 -17.50 0.20
C VAL C 202 -18.50 -17.46 0.67
N THR C 203 -19.14 -16.34 0.45
CA THR C 203 -20.56 -16.31 0.72
C THR C 203 -21.42 -15.39 -0.22
N GLU C 204 -22.72 -15.42 -0.04
CA GLU C 204 -23.58 -14.51 -0.83
C GLU C 204 -23.20 -13.11 -0.63
N VAL C 205 -23.43 -12.70 0.60
CA VAL C 205 -23.29 -11.30 0.67
C VAL C 205 -21.86 -11.01 0.14
N ARG C 206 -20.93 -11.92 0.40
CA ARG C 206 -19.69 -11.64 -0.05
C ARG C 206 -19.58 -11.53 -1.60
N VAL C 207 -19.97 -12.57 -2.31
CA VAL C 207 -20.26 -12.50 -3.75
C VAL C 207 -21.08 -11.16 -4.08
N TYR C 208 -22.06 -10.81 -3.22
CA TYR C 208 -22.79 -9.71 -3.50
C TYR C 208 -21.95 -8.48 -3.79
N ASN C 209 -21.24 -8.08 -2.75
CA ASN C 209 -20.44 -6.99 -2.97
C ASN C 209 -19.43 -7.29 -3.94
N TRP C 210 -19.20 -8.48 -4.36
CA TRP C 210 -18.23 -8.48 -5.37
C TRP C 210 -18.74 -8.13 -6.70
N PHE C 211 -20.00 -8.02 -6.81
CA PHE C 211 -20.50 -7.49 -7.98
C PHE C 211 -20.40 -6.10 -7.76
N ALA C 212 -21.13 -5.66 -6.84
CA ALA C 212 -21.15 -4.28 -6.79
C ALA C 212 -19.81 -3.51 -6.85
N ASN C 213 -18.77 -3.97 -6.27
CA ASN C 213 -17.60 -3.24 -6.54
C ASN C 213 -16.93 -3.99 -7.63
N ARG C 214 -17.76 -3.89 -8.66
CA ARG C 214 -17.39 -4.39 -9.96
C ARG C 214 -18.24 -3.67 -10.80
N ARG C 215 -19.25 -3.06 -10.17
CA ARG C 215 -20.30 -2.45 -10.87
C ARG C 215 -19.84 -1.17 -10.66
N LYS C 216 -19.94 -0.81 -9.40
CA LYS C 216 -19.37 0.51 -9.14
C LYS C 216 -18.03 0.75 -9.61
N GLU C 217 -17.46 0.20 -10.63
CA GLU C 217 -16.09 0.40 -10.65
C GLU C 217 -15.74 0.47 -12.07
N GLU C 218 -16.69 1.04 -12.75
CA GLU C 218 -16.51 1.00 -14.19
C GLU C 218 -16.72 2.40 -14.61
N ALA C 219 -17.20 3.18 -13.65
CA ALA C 219 -16.89 4.63 -13.66
C ALA C 219 -15.38 5.08 -13.49
N SER D 1 -10.71 35.26 20.05
CA SER D 1 -11.19 34.09 19.41
C SER D 1 -12.28 34.40 18.52
N ILE D 2 -13.56 34.20 18.70
CA ILE D 2 -14.57 34.59 17.62
C ILE D 2 -14.23 35.80 16.97
N LEU D 3 -13.55 36.71 17.62
CA LEU D 3 -13.12 37.84 16.93
C LEU D 3 -12.03 37.45 15.87
N LYS D 4 -11.10 36.52 16.10
CA LYS D 4 -10.29 36.06 15.01
C LYS D 4 -11.10 35.15 14.12
N GLU D 5 -11.97 34.28 14.67
CA GLU D 5 -12.84 33.50 13.90
C GLU D 5 -13.22 34.47 12.75
N LEU D 6 -13.78 35.70 13.06
CA LEU D 6 -14.18 36.55 11.97
C LEU D 6 -13.08 37.18 11.29
N GLN D 7 -12.12 37.65 12.02
CA GLN D 7 -10.98 38.41 11.55
C GLN D 7 -10.28 37.60 10.48
N ALA D 8 -10.82 36.41 10.16
CA ALA D 8 -10.22 35.52 9.18
C ALA D 8 -11.11 35.53 8.00
N LEU D 9 -12.38 35.47 8.27
CA LEU D 9 -13.25 35.26 7.18
C LEU D 9 -13.21 36.50 6.43
N ASN D 10 -12.64 37.57 6.90
CA ASN D 10 -13.02 38.75 6.12
C ASN D 10 -12.02 39.32 5.08
N THR D 11 -10.68 39.08 5.23
CA THR D 11 -9.65 39.58 4.31
C THR D 11 -10.09 39.46 2.82
N GLU D 12 -9.32 40.06 1.88
CA GLU D 12 -9.70 40.08 0.41
C GLU D 12 -9.36 38.65 -0.17
N GLU D 13 -8.32 38.00 0.51
CA GLU D 13 -7.87 36.63 0.26
C GLU D 13 -9.07 35.77 0.62
N ALA D 14 -9.40 35.70 1.89
CA ALA D 14 -10.53 34.95 2.28
C ALA D 14 -11.57 34.85 1.17
N ALA D 15 -12.05 36.04 0.71
CA ALA D 15 -13.15 36.23 -0.33
C ALA D 15 -12.78 35.69 -1.70
N GLU D 16 -11.78 36.33 -2.38
CA GLU D 16 -11.07 35.68 -3.41
C GLU D 16 -11.29 34.09 -3.18
N GLN D 17 -10.85 33.49 -2.10
CA GLN D 17 -11.11 32.11 -2.01
C GLN D 17 -12.48 31.73 -1.96
N ARG D 18 -13.24 32.12 -1.02
CA ARG D 18 -14.59 31.53 -0.90
C ARG D 18 -15.31 31.40 -2.27
N ALA D 19 -14.70 32.04 -3.26
CA ALA D 19 -15.44 32.14 -4.49
C ALA D 19 -14.89 31.44 -5.73
N GLU D 20 -13.60 31.25 -5.66
CA GLU D 20 -12.91 30.35 -6.52
C GLU D 20 -13.33 29.07 -6.07
N VAL D 21 -13.41 28.77 -4.81
CA VAL D 21 -13.71 27.42 -4.58
C VAL D 21 -15.07 27.29 -4.87
N ASP D 22 -15.68 28.37 -5.23
CA ASP D 22 -17.08 28.14 -5.49
C ASP D 22 -17.52 27.63 -6.88
N ARG D 23 -16.73 28.02 -7.87
CA ARG D 23 -16.89 27.67 -9.21
C ARG D 23 -16.31 26.35 -9.46
N MET D 24 -15.19 26.08 -8.86
CA MET D 24 -14.75 24.69 -8.85
C MET D 24 -15.93 23.72 -8.66
N LEU D 25 -16.89 24.21 -7.90
CA LEU D 25 -17.89 23.28 -7.57
C LEU D 25 -18.82 23.20 -8.55
N SER D 26 -18.86 24.17 -9.39
CA SER D 26 -20.00 24.14 -10.39
C SER D 26 -19.61 23.50 -11.66
N GLU D 27 -18.35 23.70 -11.93
CA GLU D 27 -17.70 23.03 -12.88
C GLU D 27 -17.57 21.46 -12.57
N ASP D 28 -17.25 20.75 -13.68
CA ASP D 28 -16.87 19.35 -13.66
C ASP D 28 -15.82 18.82 -12.64
N PRO D 29 -16.37 18.10 -11.71
CA PRO D 29 -15.68 17.49 -10.65
C PRO D 29 -14.36 16.99 -11.14
N TRP D 30 -14.30 16.41 -12.30
CA TRP D 30 -13.17 15.68 -12.59
C TRP D 30 -12.19 16.53 -13.22
N ARG D 31 -12.67 17.49 -13.93
CA ARG D 31 -11.71 18.30 -14.54
C ARG D 31 -10.92 18.97 -13.47
N ALA D 32 -11.61 19.40 -12.42
CA ALA D 32 -10.92 19.79 -11.22
C ALA D 32 -9.90 18.80 -10.58
N ALA D 33 -10.37 17.60 -10.41
CA ALA D 33 -9.50 16.60 -9.95
C ALA D 33 -8.09 16.52 -10.62
N LYS D 34 -8.17 16.58 -11.90
CA LYS D 34 -6.94 16.65 -12.64
C LYS D 34 -6.05 17.85 -12.13
N MET D 35 -6.46 19.08 -12.44
CA MET D 35 -5.86 20.20 -11.98
C MET D 35 -5.02 20.03 -10.75
N ILE D 36 -5.73 19.49 -9.77
CA ILE D 36 -5.17 19.44 -8.45
C ILE D 36 -4.12 18.44 -8.34
N LYS D 37 -4.48 17.26 -8.80
CA LYS D 37 -3.52 16.24 -8.73
C LYS D 37 -2.30 16.72 -9.55
N GLY D 38 -2.67 17.48 -10.56
CA GLY D 38 -1.72 18.18 -11.29
C GLY D 38 -0.82 18.87 -10.45
N TYR D 39 -1.46 19.71 -9.69
CA TYR D 39 -0.79 20.57 -8.79
C TYR D 39 0.07 19.83 -7.88
N MET D 40 -0.57 18.97 -7.17
CA MET D 40 0.07 18.25 -6.15
C MET D 40 1.22 17.64 -6.66
N GLN D 41 1.13 17.22 -7.86
CA GLN D 41 2.29 16.55 -8.28
C GLN D 41 3.50 17.40 -8.83
N GLN D 42 3.06 18.51 -9.45
CA GLN D 42 4.05 19.52 -9.71
C GLN D 42 4.94 19.79 -8.38
N HIS D 43 4.23 20.15 -7.30
CA HIS D 43 4.98 20.41 -6.10
C HIS D 43 5.29 19.28 -5.15
N ASN D 44 4.86 18.08 -5.56
CA ASN D 44 5.10 16.98 -4.74
C ASN D 44 4.63 17.21 -3.47
N ILE D 45 3.42 16.89 -3.24
CA ILE D 45 2.85 17.03 -1.96
C ILE D 45 2.08 15.82 -1.46
N PRO D 46 2.45 15.35 -0.31
CA PRO D 46 1.88 14.13 0.14
C PRO D 46 0.41 14.08 0.19
N GLN D 47 -0.10 12.98 -0.27
CA GLN D 47 -1.53 12.91 -0.25
C GLN D 47 -1.97 13.14 1.17
N ARG D 48 -0.97 12.91 2.10
CA ARG D 48 -1.34 12.79 3.43
C ARG D 48 -1.56 14.05 3.96
N GLU D 49 -0.65 14.94 3.63
CA GLU D 49 -0.81 16.33 3.90
C GLU D 49 -2.20 16.75 3.52
N VAL D 50 -3.13 16.03 2.95
CA VAL D 50 -4.35 16.67 2.48
C VAL D 50 -5.39 16.00 3.26
N VAL D 51 -5.17 14.73 3.58
CA VAL D 51 -6.18 14.17 4.38
C VAL D 51 -5.92 14.93 5.66
N ASP D 52 -4.74 15.00 6.10
CA ASP D 52 -4.65 15.55 7.29
C ASP D 52 -5.37 16.85 7.32
N VAL D 53 -5.02 17.82 6.50
CA VAL D 53 -5.73 19.07 6.68
C VAL D 53 -7.24 18.96 6.33
N THR D 54 -7.73 18.12 5.48
CA THR D 54 -9.11 18.27 5.10
C THR D 54 -9.94 17.35 5.95
N GLY D 55 -9.38 16.21 6.27
CA GLY D 55 -10.17 15.27 7.10
C GLY D 55 -11.14 14.45 6.35
N LEU D 56 -10.81 14.41 5.05
CA LEU D 56 -11.48 13.52 4.08
C LEU D 56 -10.81 12.16 4.09
N ASN D 57 -11.54 11.14 3.71
CA ASN D 57 -10.95 9.78 4.02
C ASN D 57 -9.89 9.53 2.97
N GLN D 58 -8.81 9.01 3.35
CA GLN D 58 -7.70 8.92 2.40
C GLN D 58 -7.89 7.91 1.29
N SER D 59 -8.63 6.85 1.52
CA SER D 59 -8.85 6.10 0.42
C SER D 59 -9.93 6.94 -0.41
N HIS D 60 -10.83 7.66 0.27
CA HIS D 60 -11.94 8.30 -0.56
C HIS D 60 -11.27 9.33 -1.50
N LEU D 61 -10.13 9.86 -1.03
CA LEU D 61 -9.65 10.91 -1.73
C LEU D 61 -8.80 10.39 -2.88
N SER D 62 -7.76 9.55 -2.54
CA SER D 62 -7.06 8.83 -3.61
C SER D 62 -7.81 8.42 -4.90
N GLN D 63 -9.04 7.97 -4.77
CA GLN D 63 -9.92 7.61 -5.90
C GLN D 63 -10.70 8.61 -6.58
N HIS D 64 -11.32 9.44 -5.84
CA HIS D 64 -11.91 10.45 -6.57
C HIS D 64 -10.73 11.25 -7.23
N LEU D 65 -9.53 11.15 -6.76
CA LEU D 65 -8.65 11.89 -7.66
C LEU D 65 -7.95 11.03 -8.74
N ASN D 66 -7.77 9.73 -8.49
CA ASN D 66 -7.06 8.94 -9.45
C ASN D 66 -8.06 8.21 -10.29
N LYS D 67 -9.30 8.14 -9.80
CA LYS D 67 -10.21 7.35 -10.47
C LYS D 67 -11.55 8.11 -10.75
N GLY D 68 -11.71 9.27 -10.09
CA GLY D 68 -12.91 10.08 -10.19
C GLY D 68 -14.04 9.42 -9.48
N THR D 69 -13.82 8.74 -8.39
CA THR D 69 -15.00 8.28 -7.80
C THR D 69 -15.62 9.43 -7.21
N PRO D 70 -16.93 9.60 -7.36
CA PRO D 70 -17.59 10.86 -7.20
C PRO D 70 -17.53 11.20 -5.63
N MET D 71 -17.23 12.47 -5.34
CA MET D 71 -17.29 12.86 -3.90
C MET D 71 -18.44 13.83 -3.67
N LYS D 72 -19.25 13.63 -2.68
CA LYS D 72 -20.25 14.57 -2.39
C LYS D 72 -19.86 16.04 -2.06
N THR D 73 -20.51 16.90 -2.75
CA THR D 73 -20.17 18.33 -2.63
C THR D 73 -19.48 18.83 -1.41
N GLN D 74 -20.20 18.77 -0.30
CA GLN D 74 -19.56 19.19 0.88
C GLN D 74 -18.02 18.92 0.95
N LYS D 75 -17.68 17.66 0.65
CA LYS D 75 -16.35 17.19 0.73
C LYS D 75 -15.51 17.90 -0.32
N ARG D 76 -16.01 17.87 -1.52
CA ARG D 76 -15.25 18.46 -2.55
C ARG D 76 -14.76 19.79 -2.17
N ALA D 77 -15.82 20.40 -1.64
CA ALA D 77 -15.67 21.74 -1.37
C ALA D 77 -14.45 21.90 -0.48
N ALA D 78 -14.49 21.08 0.60
CA ALA D 78 -13.27 21.04 1.43
C ALA D 78 -12.08 20.90 0.55
N LEU D 79 -12.01 19.79 -0.16
CA LEU D 79 -10.78 19.61 -0.83
C LEU D 79 -10.44 20.85 -1.68
N TYR D 80 -11.40 21.31 -2.56
CA TYR D 80 -10.96 22.53 -3.30
C TYR D 80 -10.35 23.64 -2.35
N THR D 81 -11.05 23.85 -1.25
CA THR D 81 -10.60 24.86 -0.45
C THR D 81 -9.06 24.70 -0.11
N TRP D 82 -8.75 23.48 0.40
CA TRP D 82 -7.41 23.13 0.67
C TRP D 82 -6.51 23.70 -0.36
N TYR D 83 -6.78 23.28 -1.60
CA TYR D 83 -5.91 23.49 -2.59
C TYR D 83 -5.81 24.99 -2.77
N VAL D 84 -6.96 25.70 -2.97
CA VAL D 84 -6.74 27.13 -3.21
C VAL D 84 -5.89 27.79 -2.15
N ARG D 85 -6.10 27.43 -0.93
CA ARG D 85 -5.27 27.97 0.06
C ARG D 85 -3.84 27.66 -0.26
N LYS D 86 -3.50 26.38 -0.39
CA LYS D 86 -2.16 26.01 -0.23
C LYS D 86 -1.50 26.67 -1.38
N GLN D 87 -2.31 27.10 -2.29
CA GLN D 87 -1.75 27.68 -3.47
C GLN D 87 -1.19 28.97 -3.00
N ARG D 88 -1.70 29.73 -2.04
CA ARG D 88 -0.90 30.91 -1.54
C ARG D 88 0.15 30.61 -0.54
N GLU D 89 -0.30 29.90 0.42
CA GLU D 89 0.56 29.27 1.23
C GLU D 89 1.72 28.90 0.40
N ILE D 90 1.58 28.48 -0.82
CA ILE D 90 2.76 27.95 -1.34
C ILE D 90 3.42 28.98 -1.97
N LEU D 91 2.65 30.05 -2.12
CA LEU D 91 3.14 31.06 -3.04
C LEU D 91 4.16 31.94 -2.34
N ARG D 92 3.72 32.49 -1.24
CA ARG D 92 4.63 33.27 -0.44
C ARG D 92 5.91 32.49 -0.12
N GLN D 93 5.77 31.18 -0.09
CA GLN D 93 6.77 30.48 0.53
C GLN D 93 7.97 30.63 -0.32
N PHE D 94 7.75 31.24 -1.49
CA PHE D 94 8.79 31.63 -2.45
C PHE D 94 8.99 33.10 -2.81
N ASN D 95 8.17 33.64 -3.74
CA ASN D 95 8.17 35.03 -4.02
C ASN D 95 8.51 35.82 -2.73
N GLN D 96 7.80 35.53 -1.68
CA GLN D 96 8.20 36.19 -0.40
C GLN D 96 9.59 35.70 0.27
N MET D 142 0.04 18.95 11.88
CA MET D 142 1.40 19.55 12.27
C MET D 142 2.69 18.70 11.88
N ARG D 143 2.75 17.35 12.16
CA ARG D 143 3.70 16.37 11.41
C ARG D 143 4.74 17.04 10.34
N ARG D 144 6.02 16.68 10.31
CA ARG D 144 6.84 17.41 9.39
C ARG D 144 7.06 16.53 8.20
N ASN D 145 6.39 16.75 7.02
CA ASN D 145 6.48 16.00 5.74
C ASN D 145 7.77 15.16 5.38
N ARG D 146 7.58 13.94 5.01
CA ARG D 146 8.70 13.22 4.47
C ARG D 146 9.12 13.61 2.96
N PHE D 147 10.36 13.90 2.64
CA PHE D 147 10.86 14.23 1.34
C PHE D 147 10.49 13.21 0.36
N LYS D 148 10.32 13.61 -0.91
CA LYS D 148 10.25 12.75 -1.99
C LYS D 148 10.91 13.18 -3.21
N TRP D 149 11.82 12.34 -3.79
CA TRP D 149 12.28 12.40 -5.12
C TRP D 149 11.15 12.66 -5.99
N GLY D 150 11.30 13.65 -6.80
CA GLY D 150 10.38 14.05 -7.89
C GLY D 150 11.08 13.45 -9.11
N PRO D 151 10.39 13.38 -10.24
CA PRO D 151 10.75 12.40 -11.28
C PRO D 151 11.88 13.00 -12.01
N ALA D 152 11.85 14.32 -12.02
CA ALA D 152 12.82 15.20 -12.61
C ALA D 152 14.24 14.89 -12.07
N SER D 153 14.40 14.95 -10.76
CA SER D 153 15.59 14.74 -10.15
C SER D 153 15.84 13.29 -10.40
N GLN D 154 14.79 12.48 -10.44
CA GLN D 154 15.05 11.04 -10.66
C GLN D 154 15.75 10.71 -11.91
N GLN D 155 15.28 11.43 -12.96
CA GLN D 155 15.69 11.36 -14.36
C GLN D 155 17.18 11.43 -14.42
N ILE D 156 17.72 12.51 -13.94
CA ILE D 156 19.15 12.80 -13.80
C ILE D 156 19.72 11.71 -13.10
N LEU D 157 19.06 11.27 -12.06
CA LEU D 157 19.80 10.49 -11.16
C LEU D 157 20.13 9.10 -11.71
N TYR D 158 19.15 8.68 -12.50
CA TYR D 158 19.13 7.41 -13.11
C TYR D 158 20.31 7.56 -14.10
N GLN D 159 20.28 8.67 -14.88
CA GLN D 159 21.13 8.89 -16.08
C GLN D 159 22.57 8.93 -15.74
N ALA D 160 22.69 9.42 -14.53
CA ALA D 160 23.90 9.74 -14.00
C ALA D 160 24.38 8.48 -13.32
N TYR D 161 23.92 7.32 -13.61
CA TYR D 161 24.17 6.36 -12.53
C TYR D 161 24.53 5.02 -13.09
N ASP D 162 24.37 5.03 -14.40
CA ASP D 162 24.90 3.97 -15.20
C ASP D 162 26.41 3.88 -14.84
N ARG D 163 26.65 2.77 -14.04
CA ARG D 163 27.92 2.32 -13.46
C ARG D 163 28.56 3.42 -12.47
N GLN D 164 27.73 3.96 -11.54
CA GLN D 164 28.15 4.96 -10.54
C GLN D 164 28.01 4.43 -9.15
N LYS D 165 28.18 3.15 -9.10
CA LYS D 165 28.29 2.61 -7.81
C LYS D 165 29.20 3.58 -7.07
N ASN D 166 28.83 3.85 -5.83
CA ASN D 166 29.60 4.70 -4.96
C ASN D 166 30.18 5.92 -5.66
N PRO D 167 29.35 6.96 -5.63
CA PRO D 167 29.82 8.26 -6.04
C PRO D 167 30.63 8.93 -4.92
N SER D 168 31.48 9.78 -5.39
CA SER D 168 32.39 10.56 -4.57
C SER D 168 31.57 11.59 -3.84
N LYS D 169 31.64 11.52 -2.54
CA LYS D 169 30.93 12.46 -1.72
C LYS D 169 30.88 13.83 -2.36
N GLU D 170 31.54 13.99 -3.49
CA GLU D 170 31.46 15.27 -4.07
C GLU D 170 30.69 15.19 -5.40
N GLU D 171 30.82 14.08 -6.05
CA GLU D 171 30.20 14.05 -7.31
C GLU D 171 28.67 14.20 -7.01
N ARG D 172 28.42 13.88 -5.71
CA ARG D 172 27.10 13.75 -5.15
C ARG D 172 26.68 15.11 -5.24
N GLU D 173 27.38 15.87 -4.49
CA GLU D 173 27.17 17.27 -4.43
C GLU D 173 26.80 18.08 -5.66
N ALA D 174 27.33 17.51 -6.71
CA ALA D 174 27.01 18.07 -8.02
C ALA D 174 25.52 18.26 -8.21
N LEU D 175 25.00 17.01 -8.22
CA LEU D 175 23.70 16.46 -8.50
C LEU D 175 22.89 16.95 -7.50
N VAL D 176 23.29 17.11 -6.25
CA VAL D 176 22.32 17.77 -5.34
C VAL D 176 21.95 19.02 -5.96
N GLU D 177 22.98 19.75 -6.29
CA GLU D 177 22.82 21.17 -6.63
C GLU D 177 22.21 21.02 -8.03
N GLU D 178 22.49 19.94 -8.80
CA GLU D 178 21.83 19.72 -10.16
C GLU D 178 20.20 19.56 -10.20
N CYS D 179 19.75 18.65 -9.29
CA CYS D 179 18.41 18.41 -8.93
C CYS D 179 17.70 19.65 -8.60
N ASN D 180 18.03 20.34 -7.53
CA ASN D 180 17.12 21.38 -7.09
C ASN D 180 16.93 22.45 -8.12
N ARG D 181 17.92 22.51 -9.01
CA ARG D 181 18.06 23.55 -10.03
C ARG D 181 16.89 23.25 -11.05
N ALA D 182 16.79 21.96 -11.32
CA ALA D 182 15.72 21.29 -12.02
C ALA D 182 14.37 21.26 -11.40
N GLU D 183 14.35 21.04 -10.09
CA GLU D 183 13.14 20.94 -9.37
C GLU D 183 12.56 22.29 -9.39
N CYS D 184 13.37 23.35 -9.66
CA CYS D 184 12.69 24.64 -9.59
C CYS D 184 12.15 24.91 -10.86
N LEU D 185 12.78 24.36 -11.88
CA LEU D 185 12.30 24.56 -13.17
C LEU D 185 10.81 24.15 -13.06
N GLN D 186 10.56 22.99 -12.46
CA GLN D 186 9.20 22.37 -12.44
C GLN D 186 8.22 23.24 -11.77
N ARG D 187 8.63 24.03 -10.79
CA ARG D 187 7.57 24.57 -9.99
C ARG D 187 7.45 25.90 -10.45
N GLY D 188 8.26 26.27 -11.42
CA GLY D 188 8.01 27.51 -12.14
C GLY D 188 8.64 28.78 -11.57
N VAL D 189 9.62 28.58 -10.66
CA VAL D 189 10.63 29.53 -10.24
C VAL D 189 12.15 29.25 -10.58
N SER D 190 12.90 30.15 -9.91
CA SER D 190 14.34 30.17 -10.19
C SER D 190 15.27 29.70 -9.09
N PRO D 191 16.31 29.14 -9.66
CA PRO D 191 17.23 28.34 -8.87
C PRO D 191 17.73 28.99 -7.71
N SER D 192 17.18 30.17 -7.66
CA SER D 192 17.83 31.10 -6.80
C SER D 192 17.18 30.89 -5.51
N LYS D 193 15.93 30.59 -5.48
CA LYS D 193 15.99 29.99 -4.25
C LYS D 193 15.07 28.98 -4.09
N ALA D 194 15.79 27.89 -4.06
CA ALA D 194 15.31 26.65 -3.95
C ALA D 194 15.11 26.27 -2.46
N HIS D 195 14.45 27.00 -1.62
CA HIS D 195 14.71 26.67 -0.17
C HIS D 195 13.29 26.60 0.16
N GLY D 196 12.57 26.89 -0.89
CA GLY D 196 11.17 26.84 -0.76
C GLY D 196 10.83 25.42 -1.01
N LEU D 197 11.71 24.67 -1.60
CA LEU D 197 11.41 23.35 -1.93
C LEU D 197 11.04 22.64 -0.62
N GLY D 198 11.74 23.20 0.35
CA GLY D 198 11.60 22.94 1.74
C GLY D 198 11.67 21.54 2.17
N SER D 199 10.49 21.08 2.40
CA SER D 199 10.34 19.69 2.75
C SER D 199 10.95 18.62 1.74
N ASN D 200 10.94 18.98 0.46
CA ASN D 200 11.35 18.20 -0.60
C ASN D 200 12.59 18.90 -1.15
N LEU D 201 13.31 19.69 -0.34
CA LEU D 201 14.69 20.16 -0.74
C LEU D 201 15.68 19.08 -0.80
N VAL D 202 16.45 18.99 -1.88
CA VAL D 202 17.39 17.81 -2.04
C VAL D 202 18.63 17.99 -1.24
N THR D 203 19.17 16.95 -0.74
CA THR D 203 20.40 17.05 -0.08
C THR D 203 21.42 15.92 -0.35
N GLU D 204 22.62 16.04 0.23
CA GLU D 204 23.66 14.93 0.14
C GLU D 204 23.08 13.56 0.55
N VAL D 205 23.00 13.38 1.85
CA VAL D 205 22.51 12.19 2.47
C VAL D 205 21.34 11.60 1.71
N ARG D 206 20.47 12.48 1.24
CA ARG D 206 19.46 11.99 0.31
C ARG D 206 19.91 11.26 -0.84
N VAL D 207 20.56 11.93 -1.80
CA VAL D 207 21.17 11.14 -2.95
C VAL D 207 22.09 9.98 -2.39
N TYR D 208 22.65 10.29 -1.22
CA TYR D 208 23.37 9.33 -0.61
C TYR D 208 22.64 7.98 -0.58
N ASN D 209 21.54 8.09 0.07
CA ASN D 209 20.84 6.90 0.25
C ASN D 209 20.34 6.61 -1.02
N TRP D 210 20.27 7.53 -1.91
CA TRP D 210 19.48 7.09 -2.99
C TRP D 210 20.32 6.24 -3.85
N PHE D 211 21.59 6.45 -3.65
CA PHE D 211 22.49 5.49 -4.25
C PHE D 211 22.39 4.27 -3.55
N ALA D 212 22.57 4.47 -2.32
CA ALA D 212 22.72 3.32 -1.63
C ALA D 212 21.51 2.42 -1.81
N ASN D 213 20.41 3.01 -1.62
CA ASN D 213 19.31 2.13 -1.79
C ASN D 213 19.27 1.68 -3.15
N ARG D 214 19.80 2.43 -3.98
CA ARG D 214 19.70 1.94 -5.31
C ARG D 214 20.55 0.81 -5.57
N ARG D 215 21.71 0.87 -4.97
CA ARG D 215 22.57 -0.22 -5.16
C ARG D 215 22.14 -1.45 -4.33
N LYS D 216 20.91 -1.55 -3.84
CA LYS D 216 20.45 -2.78 -3.12
C LYS D 216 19.36 -3.23 -4.03
N GLU D 217 18.55 -2.26 -4.36
CA GLU D 217 17.46 -2.47 -5.27
C GLU D 217 18.01 -3.51 -6.27
N GLU D 218 18.55 -3.00 -7.34
CA GLU D 218 19.23 -3.82 -8.32
C GLU D 218 19.71 -5.16 -7.69
N ALA D 219 20.61 -5.06 -6.70
CA ALA D 219 21.24 -6.19 -5.93
C ALA D 219 20.51 -7.58 -5.87
N PHE D 220 19.15 -7.61 -6.15
CA PHE D 220 18.36 -8.84 -6.10
C PHE D 220 17.27 -9.00 -7.22
N ARG D 221 16.52 -10.12 -6.98
CA ARG D 221 15.39 -10.71 -7.74
C ARG D 221 15.57 -12.21 -7.86
#